data_7ROV
#
_entry.id   7ROV
#
_cell.length_a   38.793
_cell.length_b   71.764
_cell.length_c   65.481
_cell.angle_alpha   90
_cell.angle_beta   100.29
_cell.angle_gamma   90
#
_symmetry.space_group_name_H-M   'P 1 21 1'
#
loop_
_entity.id
_entity.type
_entity.pdbx_description
1 polymer 'Isoform 2B of GTPase KRas'
2 polymer 'Cyclic peptide MP-9903'
3 non-polymer 'PHOSPHOMETHYLPHOSPHONIC ACID GUANYLATE ESTER'
4 non-polymer 'MAGNESIUM ION'
5 non-polymer GLYCEROL
6 water water
#
loop_
_entity_poly.entity_id
_entity_poly.type
_entity_poly.pdbx_seq_one_letter_code
_entity_poly.pdbx_strand_id
1 'polypeptide(L)'
;AMTEYKLVVVGADGVGKSALTIQLIQNHFVDEYDPTIEDSYRKQVVIDGETCLLDILDTAGQEEYSAMRDQYMRTGEGFL
CVFAINNTKSFEDIHHYREQIKRVKDSEDVPMVLVGNKCDLPSRTVDTKQAQDLARSYGIPFIETSAKTRQGVDDAFYTL
VREIRKHKEKMSKDGKKKKKKSKTKCVIM
;
A,B
2 'polypeptide(L)' A(060)PLYISYDPVCRA E,F
#
# COMPACT_ATOMS: atom_id res chain seq x y z
N ALA A 1 9.83 -24.05 -2.64
CA ALA A 1 10.32 -23.52 -1.37
C ALA A 1 10.71 -22.07 -1.51
N MET A 2 9.71 -21.22 -1.46
CA MET A 2 9.83 -19.77 -1.49
C MET A 2 10.65 -19.30 -0.28
N THR A 3 11.57 -18.35 -0.47
CA THR A 3 12.37 -17.85 0.66
C THR A 3 11.48 -17.14 1.66
N GLU A 4 11.72 -17.39 2.93
CA GLU A 4 10.99 -16.73 4.00
C GLU A 4 11.95 -15.81 4.75
N TYR A 5 11.50 -14.58 5.08
CA TYR A 5 12.32 -13.65 5.84
C TYR A 5 11.56 -13.36 7.13
N LYS A 6 12.21 -13.57 8.28
CA LYS A 6 11.62 -13.34 9.59
C LYS A 6 12.01 -11.94 10.07
N LEU A 7 11.03 -11.05 10.17
CA LEU A 7 11.27 -9.66 10.53
C LEU A 7 10.62 -9.32 11.87
N VAL A 8 11.23 -8.44 12.63
CA VAL A 8 10.67 -7.99 13.91
C VAL A 8 10.62 -6.48 13.94
N VAL A 9 9.52 -5.89 14.39
CA VAL A 9 9.36 -4.44 14.47
C VAL A 9 9.40 -4.03 15.92
N VAL A 10 10.37 -3.19 16.31
CA VAL A 10 10.55 -2.73 17.69
C VAL A 10 10.58 -1.21 17.76
N GLY A 11 10.40 -0.67 18.96
CA GLY A 11 10.42 0.77 19.19
C GLY A 11 9.51 1.17 20.33
N ALA A 12 9.65 2.40 20.76
CA ALA A 12 8.92 2.91 21.91
C ALA A 12 7.41 2.87 21.71
N ASP A 13 6.65 2.93 22.82
CA ASP A 13 5.21 2.97 22.76
C ASP A 13 4.73 4.19 21.94
N GLY A 14 3.85 3.92 20.98
CA GLY A 14 3.21 4.95 20.20
C GLY A 14 3.92 5.46 18.97
N VAL A 15 5.03 4.82 18.58
CA VAL A 15 5.77 5.32 17.40
C VAL A 15 5.14 4.95 16.07
N GLY A 16 4.25 3.95 16.04
CA GLY A 16 3.63 3.49 14.81
C GLY A 16 4.06 2.10 14.36
N LYS A 17 4.51 1.22 15.28
CA LYS A 17 4.91 -0.14 14.88
C LYS A 17 3.75 -0.88 14.22
N SER A 18 2.57 -0.84 14.88
CA SER A 18 1.43 -1.56 14.31
C SER A 18 0.96 -0.90 13.03
N ALA A 19 0.97 0.44 12.98
CA ALA A 19 0.54 1.13 11.77
C ALA A 19 1.38 0.73 10.54
N LEU A 20 2.70 0.62 10.70
CA LEU A 20 3.57 0.23 9.59
C LEU A 20 3.23 -1.17 9.11
N THR A 21 3.06 -2.11 10.08
CA THR A 21 2.80 -3.50 9.77
C THR A 21 1.43 -3.66 9.11
N ILE A 22 0.41 -3.00 9.67
CA ILE A 22 -0.96 -3.10 9.16
C ILE A 22 -1.09 -2.54 7.76
N GLN A 23 -0.30 -1.50 7.39
CA GLN A 23 -0.35 -1.01 6.01
C GLN A 23 0.16 -2.09 5.08
N LEU A 24 1.27 -2.74 5.43
CA LEU A 24 1.80 -3.78 4.56
C LEU A 24 0.85 -5.01 4.49
N ILE A 25 0.29 -5.43 5.61
CA ILE A 25 -0.52 -6.65 5.65
C ILE A 25 -1.95 -6.46 5.14
N GLN A 26 -2.60 -5.38 5.57
CA GLN A 26 -4.02 -5.16 5.33
C GLN A 26 -4.34 -3.95 4.46
N ASN A 27 -3.32 -3.19 4.01
CA ASN A 27 -3.58 -2.07 3.09
C ASN A 27 -4.51 -1.00 3.63
N HIS A 28 -4.35 -0.68 4.90
CA HIS A 28 -5.08 0.43 5.51
C HIS A 28 -4.32 0.97 6.70
N PHE A 29 -4.64 2.21 7.10
CA PHE A 29 -4.06 2.85 8.26
C PHE A 29 -4.86 2.44 9.49
N VAL A 30 -4.15 2.05 10.56
CA VAL A 30 -4.66 1.57 11.84
C VAL A 30 -5.80 2.42 12.38
N ASP A 31 -6.87 1.75 12.81
CA ASP A 31 -8.03 2.39 13.42
C ASP A 31 -8.47 1.63 14.70
N GLU A 32 -9.59 2.04 15.34
CA GLU A 32 -10.11 1.43 16.56
C GLU A 32 -10.55 -0.04 16.42
N TYR A 33 -10.73 -0.51 15.18
CA TYR A 33 -11.15 -1.91 14.95
C TYR A 33 -9.97 -2.90 14.92
N ASP A 34 -8.76 -2.41 14.63
CA ASP A 34 -7.58 -3.27 14.57
C ASP A 34 -7.16 -3.66 15.98
N PRO A 35 -6.76 -4.92 16.20
CA PRO A 35 -6.35 -5.33 17.54
C PRO A 35 -5.03 -4.69 18.00
N THR A 36 -4.85 -4.58 19.31
CA THR A 36 -3.67 -3.95 19.90
C THR A 36 -2.68 -4.95 20.52
N ILE A 37 -3.00 -6.26 20.47
CA ILE A 37 -2.14 -7.25 21.07
C ILE A 37 -1.00 -7.62 20.15
N GLU A 38 0.11 -8.06 20.76
CA GLU A 38 1.29 -8.47 20.02
C GLU A 38 0.96 -9.69 19.17
N ASP A 39 1.40 -9.71 17.91
CA ASP A 39 1.13 -10.87 17.05
C ASP A 39 2.09 -10.87 15.89
N SER A 40 2.09 -11.99 15.18
CA SER A 40 2.87 -12.14 13.96
C SER A 40 1.95 -12.29 12.78
N TYR A 41 2.43 -11.84 11.62
CA TYR A 41 1.65 -11.80 10.38
C TYR A 41 2.49 -12.34 9.22
N ARG A 42 1.84 -12.87 8.20
CA ARG A 42 2.55 -13.39 7.03
C ARG A 42 2.08 -12.67 5.79
N LYS A 43 3.00 -12.40 4.86
CA LYS A 43 2.62 -11.71 3.62
C LYS A 43 3.53 -12.16 2.48
N GLN A 44 2.95 -12.51 1.32
CA GLN A 44 3.77 -12.89 0.17
C GLN A 44 3.96 -11.61 -0.62
N VAL A 45 5.21 -11.29 -0.99
CA VAL A 45 5.50 -10.09 -1.74
CA VAL A 45 5.57 -10.07 -1.69
C VAL A 45 6.62 -10.39 -2.75
N VAL A 46 6.84 -9.48 -3.71
CA VAL A 46 7.92 -9.65 -4.68
C VAL A 46 8.89 -8.50 -4.38
N ILE A 47 10.15 -8.84 -4.04
CA ILE A 47 11.16 -7.84 -3.73
C ILE A 47 12.36 -8.05 -4.62
N ASP A 48 12.64 -7.08 -5.51
CA ASP A 48 13.75 -7.19 -6.47
C ASP A 48 13.69 -8.50 -7.28
N GLY A 49 12.51 -8.86 -7.74
CA GLY A 49 12.35 -10.03 -8.59
C GLY A 49 12.21 -11.34 -7.89
N GLU A 50 12.35 -11.36 -6.55
CA GLU A 50 12.22 -12.59 -5.79
C GLU A 50 10.87 -12.62 -5.12
N THR A 51 10.04 -13.63 -5.41
CA THR A 51 8.79 -13.79 -4.70
C THR A 51 9.13 -14.45 -3.38
N CYS A 52 8.73 -13.83 -2.27
CA CYS A 52 9.11 -14.34 -0.97
C CYS A 52 8.00 -14.16 0.06
N LEU A 53 8.18 -14.77 1.23
CA LEU A 53 7.22 -14.67 2.31
C LEU A 53 7.85 -13.92 3.45
N LEU A 54 7.15 -12.91 3.96
CA LEU A 54 7.62 -12.17 5.12
C LEU A 54 6.82 -12.62 6.31
N ASP A 55 7.49 -12.91 7.41
CA ASP A 55 6.82 -13.30 8.66
C ASP A 55 7.21 -12.20 9.64
N ILE A 56 6.27 -11.35 10.03
CA ILE A 56 6.58 -10.15 10.79
C ILE A 56 5.98 -10.15 12.19
N LEU A 57 6.84 -9.97 13.22
CA LEU A 57 6.35 -9.84 14.58
C LEU A 57 6.23 -8.34 14.89
N ASP A 58 5.03 -7.91 15.26
CA ASP A 58 4.72 -6.56 15.67
C ASP A 58 4.76 -6.54 17.19
N THR A 59 5.86 -6.11 17.80
CA THR A 59 5.97 -6.15 19.29
C THR A 59 5.04 -5.19 19.98
N ALA A 60 4.52 -5.62 21.15
CA ALA A 60 3.59 -4.82 21.96
C ALA A 60 3.56 -5.42 23.38
N GLY A 61 3.07 -4.67 24.36
CA GLY A 61 3.02 -5.14 25.76
C GLY A 61 4.42 -5.41 26.25
N GLN A 62 5.30 -4.43 26.06
CA GLN A 62 6.73 -4.55 26.26
C GLN A 62 7.21 -4.94 27.66
N GLU A 63 6.44 -4.67 28.70
CA GLU A 63 6.84 -5.05 30.06
C GLU A 63 6.37 -6.44 30.47
N GLU A 64 5.51 -7.09 29.68
CA GLU A 64 4.94 -8.37 30.07
C GLU A 64 5.63 -9.55 29.40
N TYR A 65 5.55 -10.71 30.07
CA TYR A 65 6.08 -11.96 29.51
C TYR A 65 5.34 -12.30 28.22
N SER A 66 6.10 -12.77 27.22
CA SER A 66 5.50 -13.24 25.98
C SER A 66 6.32 -14.38 25.44
N ALA A 67 5.74 -15.59 25.36
CA ALA A 67 6.47 -16.72 24.77
C ALA A 67 6.78 -16.48 23.30
N MET A 68 5.87 -15.83 22.56
CA MET A 68 6.12 -15.54 21.15
C MET A 68 7.28 -14.59 20.99
N ARG A 69 7.31 -13.52 21.79
CA ARG A 69 8.43 -12.56 21.71
C ARG A 69 9.76 -13.25 22.03
N ASP A 70 9.75 -14.13 23.04
CA ASP A 70 10.99 -14.85 23.38
C ASP A 70 11.47 -15.70 22.18
N GLN A 71 10.54 -16.40 21.50
CA GLN A 71 10.95 -17.21 20.35
C GLN A 71 11.44 -16.33 19.19
N TYR A 72 10.65 -15.35 18.84
CA TYR A 72 10.87 -14.58 17.61
C TYR A 72 12.04 -13.58 17.73
N MET A 73 12.41 -13.13 18.95
CA MET A 73 13.60 -12.26 19.05
C MET A 73 14.87 -13.06 18.76
N ARG A 74 14.91 -14.34 19.13
CA ARG A 74 16.06 -15.18 18.88
C ARG A 74 16.11 -15.63 17.44
N THR A 75 14.95 -15.91 16.81
CA THR A 75 14.97 -16.38 15.42
C THR A 75 14.87 -15.26 14.40
N GLY A 76 14.57 -14.03 14.83
CA GLY A 76 14.44 -12.92 13.89
C GLY A 76 15.67 -12.70 13.05
N GLU A 77 15.47 -12.53 11.77
CA GLU A 77 16.58 -12.30 10.84
C GLU A 77 16.89 -10.83 10.60
N GLY A 78 15.90 -9.98 10.79
CA GLY A 78 16.12 -8.54 10.63
C GLY A 78 15.16 -7.77 11.49
N PHE A 79 15.58 -6.58 11.92
CA PHE A 79 14.79 -5.77 12.85
C PHE A 79 14.58 -4.36 12.32
N LEU A 80 13.33 -3.89 12.34
CA LEU A 80 13.03 -2.48 12.06
C LEU A 80 13.02 -1.79 13.40
N CYS A 81 13.88 -0.80 13.58
CA CYS A 81 13.96 -0.03 14.83
C CYS A 81 13.29 1.28 14.58
N VAL A 82 12.11 1.48 15.15
CA VAL A 82 11.28 2.62 14.80
C VAL A 82 11.23 3.67 15.88
N PHE A 83 11.34 4.92 15.47
CA PHE A 83 11.09 6.06 16.35
C PHE A 83 10.09 6.98 15.62
N ALA A 84 9.55 8.02 16.31
CA ALA A 84 8.65 8.97 15.68
C ALA A 84 9.40 10.30 15.60
N ILE A 85 9.37 10.95 14.42
CA ILE A 85 10.17 12.15 14.21
C ILE A 85 9.74 13.34 15.05
N ASN A 86 8.56 13.28 15.65
CA ASN A 86 8.06 14.33 16.52
C ASN A 86 8.25 14.00 18.00
N ASN A 87 8.98 12.94 18.34
CA ASN A 87 9.13 12.52 19.73
C ASN A 87 10.61 12.17 19.99
N THR A 88 11.36 13.14 20.53
CA THR A 88 12.77 12.96 20.79
CA THR A 88 12.77 12.95 20.79
C THR A 88 13.06 11.80 21.74
N LYS A 89 12.19 11.58 22.72
CA LYS A 89 12.38 10.49 23.67
C LYS A 89 12.37 9.13 22.95
N SER A 90 11.52 9.00 21.91
CA SER A 90 11.53 7.73 21.16
C SER A 90 12.81 7.54 20.38
N PHE A 91 13.43 8.64 19.93
CA PHE A 91 14.71 8.50 19.22
C PHE A 91 15.84 8.16 20.20
N GLU A 92 15.79 8.77 21.39
CA GLU A 92 16.77 8.49 22.45
C GLU A 92 16.67 7.03 22.89
N ASP A 93 15.52 6.37 22.74
CA ASP A 93 15.39 4.94 23.10
C ASP A 93 16.00 3.98 22.08
N ILE A 94 16.23 4.45 20.83
CA ILE A 94 16.72 3.55 19.78
C ILE A 94 17.95 2.74 20.16
N HIS A 95 18.98 3.41 20.71
CA HIS A 95 20.18 2.70 21.06
C HIS A 95 19.93 1.58 22.08
N HIS A 96 18.92 1.75 22.96
CA HIS A 96 18.61 0.69 23.91
C HIS A 96 18.01 -0.52 23.22
N TYR A 97 17.12 -0.28 22.20
CA TYR A 97 16.55 -1.40 21.46
C TYR A 97 17.64 -2.12 20.70
N ARG A 98 18.52 -1.38 20.04
CA ARG A 98 19.60 -1.99 19.29
C ARG A 98 20.53 -2.81 20.19
N GLU A 99 20.88 -2.25 21.35
CA GLU A 99 21.77 -2.99 22.25
C GLU A 99 21.11 -4.28 22.75
N GLN A 100 19.78 -4.24 22.98
CA GLN A 100 19.08 -5.46 23.41
C GLN A 100 19.07 -6.49 22.32
N ILE A 101 18.82 -6.08 21.06
CA ILE A 101 18.81 -7.05 19.96
C ILE A 101 20.17 -7.76 19.84
N LYS A 102 21.26 -7.00 19.91
CA LYS A 102 22.59 -7.61 19.84
C LYS A 102 22.86 -8.56 21.00
N ARG A 103 22.36 -8.21 22.19
CA ARG A 103 22.54 -9.03 23.38
C ARG A 103 21.80 -10.36 23.21
N VAL A 104 20.53 -10.34 22.74
CA VAL A 104 19.76 -11.58 22.59
C VAL A 104 20.17 -12.41 21.37
N LYS A 105 20.60 -11.77 20.28
CA LYS A 105 21.06 -12.52 19.10
C LYS A 105 22.51 -13.05 19.31
N ASP A 106 23.21 -12.60 20.40
CA ASP A 106 24.58 -12.97 20.75
C ASP A 106 25.49 -12.73 19.55
N SER A 107 25.39 -11.52 18.97
CA SER A 107 26.14 -11.19 17.78
C SER A 107 26.27 -9.70 17.61
N GLU A 108 27.40 -9.27 17.05
CA GLU A 108 27.63 -7.86 16.70
C GLU A 108 27.13 -7.56 15.26
N ASP A 109 26.64 -8.58 14.51
CA ASP A 109 26.23 -8.46 13.13
C ASP A 109 24.77 -8.85 12.91
N VAL A 110 23.82 -7.93 13.17
CA VAL A 110 22.40 -8.22 13.00
C VAL A 110 21.76 -7.24 12.01
N PRO A 111 21.13 -7.74 10.93
CA PRO A 111 20.49 -6.83 9.96
C PRO A 111 19.43 -5.95 10.62
N MET A 112 19.50 -4.65 10.37
CA MET A 112 18.59 -3.70 10.97
C MET A 112 18.40 -2.50 10.05
N VAL A 113 17.27 -1.79 10.19
CA VAL A 113 17.02 -0.53 9.49
C VAL A 113 16.44 0.41 10.52
N LEU A 114 16.91 1.65 10.52
CA LEU A 114 16.41 2.71 11.38
C LEU A 114 15.27 3.40 10.63
N VAL A 115 14.07 3.49 11.26
CA VAL A 115 12.90 4.09 10.65
C VAL A 115 12.42 5.26 11.49
N GLY A 116 12.35 6.45 10.89
CA GLY A 116 11.75 7.62 11.50
C GLY A 116 10.34 7.76 10.95
N ASN A 117 9.34 7.35 11.74
CA ASN A 117 7.95 7.37 11.32
C ASN A 117 7.26 8.72 11.66
N LYS A 118 6.05 8.93 11.12
CA LYS A 118 5.23 10.12 11.30
C LYS A 118 5.82 11.30 10.54
N CYS A 119 6.50 11.04 9.40
CA CYS A 119 7.10 12.12 8.64
C CYS A 119 6.08 13.05 7.98
N ASP A 120 4.77 12.77 8.09
CA ASP A 120 3.71 13.65 7.61
C ASP A 120 3.51 14.85 8.56
N LEU A 121 3.95 14.74 9.82
CA LEU A 121 3.73 15.78 10.82
C LEU A 121 4.69 16.95 10.68
N PRO A 122 4.18 18.18 10.83
CA PRO A 122 5.08 19.35 10.73
C PRO A 122 6.00 19.55 11.94
N SER A 123 5.62 19.03 13.08
CA SER A 123 6.30 19.21 14.36
C SER A 123 7.55 18.34 14.57
N ARG A 124 8.44 18.33 13.58
CA ARG A 124 9.66 17.56 13.68
C ARG A 124 10.54 18.03 14.84
N THR A 125 10.96 17.12 15.67
CA THR A 125 11.92 17.41 16.74
C THR A 125 13.21 16.60 16.59
N VAL A 126 13.22 15.56 15.74
CA VAL A 126 14.43 14.79 15.47
C VAL A 126 14.90 15.14 14.08
N ASP A 127 16.02 15.82 13.98
CA ASP A 127 16.56 16.21 12.68
C ASP A 127 17.13 14.99 11.99
N THR A 128 17.06 14.96 10.65
CA THR A 128 17.66 13.85 9.89
C THR A 128 19.16 13.80 10.06
N LYS A 129 19.85 14.93 10.39
CA LYS A 129 21.30 14.88 10.61
C LYS A 129 21.60 13.97 11.81
N GLN A 130 20.84 14.10 12.89
CA GLN A 130 21.05 13.27 14.08
C GLN A 130 20.74 11.80 13.81
N ALA A 131 19.63 11.53 13.10
CA ALA A 131 19.26 10.16 12.84
C ALA A 131 20.21 9.52 11.84
N GLN A 132 20.61 10.25 10.78
CA GLN A 132 21.52 9.68 9.77
C GLN A 132 22.90 9.42 10.40
N ASP A 133 23.35 10.31 11.29
CA ASP A 133 24.64 10.09 11.97
C ASP A 133 24.56 8.80 12.83
N LEU A 134 23.43 8.58 13.51
CA LEU A 134 23.27 7.37 14.31
C LEU A 134 23.28 6.14 13.43
N ALA A 135 22.48 6.13 12.33
CA ALA A 135 22.47 4.99 11.43
C ALA A 135 23.85 4.72 10.83
N ARG A 136 24.57 5.80 10.48
CA ARG A 136 25.92 5.63 9.90
C ARG A 136 26.87 5.03 10.95
N SER A 137 26.74 5.43 12.22
CA SER A 137 27.58 4.86 13.29
C SER A 137 27.33 3.35 13.46
N TYR A 138 26.12 2.87 13.11
CA TYR A 138 25.77 1.45 13.19
C TYR A 138 25.99 0.70 11.87
N GLY A 139 26.22 1.41 10.77
CA GLY A 139 26.37 0.81 9.46
C GLY A 139 25.07 0.31 8.88
N ILE A 140 23.96 0.99 9.20
CA ILE A 140 22.64 0.55 8.73
C ILE A 140 21.90 1.60 7.95
N PRO A 141 20.91 1.23 7.13
CA PRO A 141 20.12 2.25 6.42
C PRO A 141 19.21 3.04 7.36
N PHE A 142 18.85 4.26 6.94
CA PHE A 142 17.90 5.12 7.63
C PHE A 142 16.82 5.51 6.64
N ILE A 143 15.56 5.35 7.00
CA ILE A 143 14.47 5.75 6.13
C ILE A 143 13.42 6.47 6.93
N GLU A 144 12.78 7.49 6.36
CA GLU A 144 11.68 8.17 7.00
C GLU A 144 10.37 7.71 6.32
N THR A 145 9.36 7.47 7.12
CA THR A 145 8.09 6.93 6.67
C THR A 145 6.91 7.69 7.24
N SER A 146 5.74 7.55 6.61
CA SER A 146 4.49 7.93 7.21
C SER A 146 3.58 6.73 7.05
N ALA A 147 3.28 6.02 8.15
CA ALA A 147 2.31 4.94 8.05
C ALA A 147 0.92 5.51 7.68
N LYS A 148 0.64 6.79 8.02
CA LYS A 148 -0.64 7.41 7.72
C LYS A 148 -0.86 7.58 6.23
N THR A 149 0.12 8.16 5.52
CA THR A 149 -0.03 8.32 4.07
C THR A 149 0.51 7.13 3.28
N ARG A 150 1.22 6.21 3.96
CA ARG A 150 1.93 5.06 3.42
C ARG A 150 3.27 5.41 2.75
N GLN A 151 3.69 6.69 2.79
CA GLN A 151 4.97 7.08 2.22
C GLN A 151 6.13 6.30 2.86
N GLY A 152 6.94 5.62 2.06
CA GLY A 152 8.12 4.92 2.53
C GLY A 152 7.89 3.61 3.21
N VAL A 153 6.64 3.21 3.47
CA VAL A 153 6.36 2.02 4.25
C VAL A 153 6.88 0.75 3.57
N ASP A 154 6.46 0.51 2.32
CA ASP A 154 6.90 -0.68 1.61
C ASP A 154 8.42 -0.67 1.45
N ASP A 155 9.00 0.50 1.16
CA ASP A 155 10.44 0.64 1.01
C ASP A 155 11.20 0.32 2.30
N ALA A 156 10.62 0.60 3.49
CA ALA A 156 11.30 0.31 4.74
C ALA A 156 11.45 -1.22 4.91
N PHE A 157 10.37 -1.97 4.63
CA PHE A 157 10.41 -3.41 4.74
C PHE A 157 11.31 -3.99 3.66
N TYR A 158 11.24 -3.45 2.42
CA TYR A 158 12.09 -4.01 1.34
C TYR A 158 13.57 -3.72 1.65
N THR A 159 13.86 -2.55 2.22
CA THR A 159 15.23 -2.21 2.59
C THR A 159 15.76 -3.20 3.63
N LEU A 160 14.91 -3.59 4.62
CA LEU A 160 15.35 -4.54 5.64
C LEU A 160 15.62 -5.90 5.01
N VAL A 161 14.75 -6.36 4.08
CA VAL A 161 14.99 -7.63 3.38
C VAL A 161 16.33 -7.55 2.60
N ARG A 162 16.63 -6.40 1.98
CA ARG A 162 17.93 -6.27 1.30
C ARG A 162 19.11 -6.39 2.28
N GLU A 163 18.96 -5.90 3.53
CA GLU A 163 20.01 -6.04 4.53
C GLU A 163 20.16 -7.49 4.95
N ILE A 164 19.03 -8.21 5.11
CA ILE A 164 19.10 -9.63 5.50
C ILE A 164 19.83 -10.45 4.41
N ARG A 165 19.59 -10.12 3.15
CA ARG A 165 20.25 -10.84 2.06
C ARG A 165 21.76 -10.72 2.09
N LYS A 166 22.29 -9.64 2.68
CA LYS A 166 23.75 -9.44 2.78
C LYS A 166 24.38 -10.18 3.96
N HIS A 167 23.57 -10.65 4.93
CA HIS A 167 24.07 -11.37 6.11
C HIS A 167 24.71 -12.69 5.68
N LYS A 168 24.10 -13.37 4.69
CA LYS A 168 24.57 -14.59 4.05
C LYS A 168 24.86 -14.26 2.58
N ALA B 1 -16.30 12.65 11.14
CA ALA B 1 -15.93 11.41 10.48
C ALA B 1 -15.46 11.73 9.06
N MET B 2 -14.29 11.24 8.69
CA MET B 2 -13.68 11.50 7.39
C MET B 2 -14.56 10.95 6.24
N THR B 3 -14.75 11.70 5.16
CA THR B 3 -15.54 11.23 4.03
C THR B 3 -14.78 10.12 3.31
N GLU B 4 -15.49 9.08 2.94
CA GLU B 4 -14.91 7.95 2.20
C GLU B 4 -15.48 7.95 0.78
N TYR B 5 -14.64 7.69 -0.23
CA TYR B 5 -15.10 7.62 -1.60
C TYR B 5 -14.74 6.23 -2.10
N LYS B 6 -15.74 5.44 -2.47
CA LYS B 6 -15.56 4.05 -2.91
C LYS B 6 -15.37 4.04 -4.43
N LEU B 7 -14.16 3.66 -4.90
CA LEU B 7 -13.78 3.73 -6.33
C LEU B 7 -13.53 2.35 -6.86
N VAL B 8 -13.85 2.14 -8.15
CA VAL B 8 -13.63 0.84 -8.76
C VAL B 8 -12.88 1.05 -10.06
N VAL B 9 -11.83 0.25 -10.30
CA VAL B 9 -11.04 0.35 -11.53
C VAL B 9 -11.38 -0.81 -12.46
N VAL B 10 -11.89 -0.49 -13.66
CA VAL B 10 -12.30 -1.50 -14.64
C VAL B 10 -11.64 -1.26 -16.01
N GLY B 11 -11.64 -2.29 -16.85
CA GLY B 11 -11.07 -2.20 -18.18
C GLY B 11 -10.57 -3.52 -18.70
N ALA B 12 -10.26 -3.55 -19.97
CA ALA B 12 -9.82 -4.77 -20.64
C ALA B 12 -8.58 -5.37 -20.02
N ASP B 13 -8.31 -6.66 -20.31
CA ASP B 13 -7.13 -7.32 -19.83
C ASP B 13 -5.86 -6.62 -20.31
N GLY B 14 -4.95 -6.35 -19.37
CA GLY B 14 -3.63 -5.83 -19.69
C GLY B 14 -3.52 -4.34 -19.87
N VAL B 15 -4.59 -3.58 -19.57
CA VAL B 15 -4.53 -2.12 -19.77
C VAL B 15 -3.74 -1.37 -18.69
N GLY B 16 -3.50 -2.03 -17.54
CA GLY B 16 -2.73 -1.41 -16.45
C GLY B 16 -3.55 -1.10 -15.22
N LYS B 17 -4.69 -1.76 -14.98
CA LYS B 17 -5.52 -1.50 -13.80
C LYS B 17 -4.73 -1.69 -12.52
N SER B 18 -4.00 -2.82 -12.43
CA SER B 18 -3.23 -3.10 -11.21
C SER B 18 -2.07 -2.15 -11.10
N ALA B 19 -1.35 -1.90 -12.20
CA ALA B 19 -0.21 -1.00 -12.12
C ALA B 19 -0.61 0.40 -11.69
N LEU B 20 -1.76 0.91 -12.18
CA LEU B 20 -2.23 2.22 -11.77
C LEU B 20 -2.54 2.27 -10.27
N THR B 21 -3.22 1.23 -9.77
CA THR B 21 -3.63 1.19 -8.37
C THR B 21 -2.40 1.03 -7.47
N ILE B 22 -1.45 0.18 -7.86
CA ILE B 22 -0.24 -0.04 -7.06
C ILE B 22 0.63 1.20 -7.06
N GLN B 23 0.68 1.96 -8.15
CA GLN B 23 1.43 3.20 -8.16
C GLN B 23 0.80 4.19 -7.16
N LEU B 24 -0.52 4.36 -7.21
CA LEU B 24 -1.22 5.26 -6.32
C LEU B 24 -1.02 4.88 -4.84
N ILE B 25 -1.12 3.59 -4.51
CA ILE B 25 -1.07 3.13 -3.14
C ILE B 25 0.34 2.94 -2.59
N GLN B 26 1.17 2.21 -3.33
CA GLN B 26 2.49 1.75 -2.87
C GLN B 26 3.66 2.48 -3.46
N ASN B 27 3.41 3.41 -4.39
CA ASN B 27 4.44 4.28 -4.90
C ASN B 27 5.53 3.53 -5.65
N HIS B 28 5.16 2.49 -6.39
CA HIS B 28 6.12 1.81 -7.26
C HIS B 28 5.46 1.24 -8.50
N PHE B 29 6.25 1.01 -9.54
CA PHE B 29 5.73 0.48 -10.79
C PHE B 29 6.09 -0.97 -10.95
N VAL B 30 5.09 -1.79 -11.27
CA VAL B 30 5.27 -3.21 -11.47
C VAL B 30 5.41 -3.56 -12.95
N ASP B 31 6.43 -4.37 -13.31
CA ASP B 31 6.54 -4.86 -14.69
C ASP B 31 5.61 -6.06 -14.97
N GLU B 32 5.13 -6.70 -13.92
CA GLU B 32 4.16 -7.77 -14.04
C GLU B 32 3.44 -7.91 -12.72
N TYR B 33 2.17 -8.30 -12.78
CA TYR B 33 1.36 -8.51 -11.59
C TYR B 33 0.38 -9.63 -11.88
N ASP B 34 0.17 -10.55 -10.93
CA ASP B 34 -0.75 -11.69 -11.08
C ASP B 34 -2.11 -11.26 -11.64
N PRO B 35 -2.46 -11.75 -12.85
CA PRO B 35 -3.71 -11.32 -13.48
C PRO B 35 -4.98 -11.65 -12.73
N THR B 36 -4.94 -12.64 -11.84
CA THR B 36 -6.13 -13.06 -11.11
C THR B 36 -6.31 -12.37 -9.75
N ILE B 37 -5.28 -11.66 -9.25
CA ILE B 37 -5.38 -11.00 -7.95
C ILE B 37 -6.26 -9.75 -7.99
N GLU B 38 -7.34 -9.79 -7.20
CA GLU B 38 -8.31 -8.71 -7.06
C GLU B 38 -8.27 -8.28 -5.60
N ASP B 39 -7.75 -7.08 -5.35
CA ASP B 39 -7.64 -6.59 -3.99
C ASP B 39 -8.22 -5.21 -3.84
N SER B 40 -8.58 -4.87 -2.60
CA SER B 40 -9.08 -3.57 -2.22
C SER B 40 -8.05 -2.88 -1.34
N TYR B 41 -7.94 -1.59 -1.50
CA TYR B 41 -6.94 -0.80 -0.77
C TYR B 41 -7.59 0.45 -0.21
N ARG B 42 -7.13 0.91 0.94
CA ARG B 42 -7.61 2.17 1.51
C ARG B 42 -6.48 3.16 1.56
N LYS B 43 -6.73 4.41 1.15
CA LYS B 43 -5.69 5.42 1.09
C LYS B 43 -6.22 6.72 1.67
N GLN B 44 -5.51 7.28 2.67
CA GLN B 44 -5.93 8.56 3.26
C GLN B 44 -5.16 9.61 2.50
N VAL B 45 -5.87 10.57 1.90
CA VAL B 45 -5.25 11.57 1.05
C VAL B 45 -5.99 12.92 1.12
N VAL B 46 -5.31 14.02 0.79
CA VAL B 46 -5.93 15.34 0.79
C VAL B 46 -6.24 15.70 -0.65
N ILE B 47 -7.51 15.94 -0.98
CA ILE B 47 -7.94 16.29 -2.34
C ILE B 47 -8.67 17.61 -2.25
N ASP B 48 -8.10 18.65 -2.85
CA ASP B 48 -8.64 20.00 -2.81
C ASP B 48 -8.89 20.46 -1.36
N GLY B 49 -7.93 20.19 -0.47
CA GLY B 49 -8.03 20.62 0.92
C GLY B 49 -8.83 19.73 1.84
N GLU B 50 -9.53 18.72 1.29
CA GLU B 50 -10.32 17.82 2.12
C GLU B 50 -9.56 16.55 2.39
N THR B 51 -9.30 16.23 3.65
CA THR B 51 -8.66 14.96 3.99
C THR B 51 -9.74 13.91 3.91
N CYS B 52 -9.55 12.91 3.04
CA CYS B 52 -10.55 11.89 2.83
C CYS B 52 -9.93 10.51 2.66
N LEU B 53 -10.79 9.49 2.62
CA LEU B 53 -10.35 8.13 2.45
C LEU B 53 -10.83 7.59 1.13
N LEU B 54 -9.92 7.00 0.35
CA LEU B 54 -10.31 6.34 -0.89
C LEU B 54 -10.32 4.87 -0.60
N ASP B 55 -11.40 4.18 -0.96
CA ASP B 55 -11.53 2.75 -0.80
C ASP B 55 -11.62 2.20 -2.21
N ILE B 56 -10.54 1.60 -2.70
CA ILE B 56 -10.40 1.23 -4.11
C ILE B 56 -10.36 -0.26 -4.40
N LEU B 57 -11.17 -0.73 -5.37
CA LEU B 57 -11.08 -2.12 -5.80
C LEU B 57 -10.46 -2.13 -7.17
N ASP B 58 -9.40 -2.94 -7.33
CA ASP B 58 -8.72 -3.17 -8.60
C ASP B 58 -9.36 -4.45 -9.15
N THR B 59 -10.25 -4.35 -10.18
CA THR B 59 -10.92 -5.58 -10.67
C THR B 59 -9.99 -6.48 -11.47
N ALA B 60 -10.23 -7.81 -11.35
CA ALA B 60 -9.41 -8.87 -11.97
C ALA B 60 -10.09 -10.24 -11.92
N GLY B 61 -9.70 -11.16 -12.82
CA GLY B 61 -10.29 -12.49 -12.90
C GLY B 61 -11.75 -12.34 -13.29
N GLN B 62 -11.98 -11.66 -14.42
CA GLN B 62 -13.29 -11.24 -14.91
C GLN B 62 -14.30 -12.35 -15.20
N GLU B 63 -13.97 -13.64 -14.95
CA GLU B 63 -14.90 -14.73 -15.25
C GLU B 63 -15.34 -15.58 -14.04
N GLU B 64 -14.58 -15.57 -12.92
CA GLU B 64 -14.93 -16.37 -11.75
C GLU B 64 -15.69 -15.55 -10.70
N TYR B 65 -16.52 -16.21 -9.88
CA TYR B 65 -17.31 -15.50 -8.87
C TYR B 65 -16.42 -14.77 -7.84
N SER B 66 -16.81 -13.55 -7.46
CA SER B 66 -16.14 -12.82 -6.39
C SER B 66 -17.18 -12.02 -5.63
N ALA B 67 -17.35 -12.33 -4.33
CA ALA B 67 -18.32 -11.59 -3.52
C ALA B 67 -17.90 -10.14 -3.36
N MET B 68 -16.58 -9.91 -3.19
CA MET B 68 -16.10 -8.54 -3.07
C MET B 68 -16.34 -7.73 -4.34
N ARG B 69 -16.09 -8.31 -5.53
CA ARG B 69 -16.35 -7.62 -6.80
C ARG B 69 -17.84 -7.25 -6.90
N ASP B 70 -18.72 -8.16 -6.47
CA ASP B 70 -20.14 -7.88 -6.46
C ASP B 70 -20.49 -6.72 -5.53
N GLN B 71 -19.98 -6.69 -4.28
CA GLN B 71 -20.28 -5.62 -3.33
C GLN B 71 -19.78 -4.27 -3.86
N TYR B 72 -18.58 -4.24 -4.46
CA TYR B 72 -18.02 -2.96 -4.98
C TYR B 72 -18.75 -2.45 -6.21
N MET B 73 -19.14 -3.34 -7.14
CA MET B 73 -19.86 -2.88 -8.33
C MET B 73 -21.24 -2.31 -7.91
N ARG B 74 -21.86 -2.86 -6.86
CA ARG B 74 -23.17 -2.40 -6.37
C ARG B 74 -23.09 -1.10 -5.59
N THR B 75 -22.11 -0.97 -4.68
CA THR B 75 -22.00 0.20 -3.82
C THR B 75 -20.91 1.20 -4.23
N GLY B 76 -20.15 0.89 -5.27
CA GLY B 76 -19.10 1.78 -5.77
C GLY B 76 -19.67 3.12 -6.18
N GLU B 77 -19.02 4.22 -5.79
CA GLU B 77 -19.50 5.55 -6.08
C GLU B 77 -18.99 6.12 -7.39
N GLY B 78 -17.84 5.65 -7.83
CA GLY B 78 -17.25 6.13 -9.08
C GLY B 78 -16.40 5.05 -9.69
N PHE B 79 -16.26 5.10 -11.00
CA PHE B 79 -15.54 4.09 -11.76
C PHE B 79 -14.52 4.71 -12.69
N LEU B 80 -13.29 4.15 -12.68
CA LEU B 80 -12.27 4.54 -13.66
C LEU B 80 -12.35 3.50 -14.77
N CYS B 81 -12.62 3.93 -15.98
CA CYS B 81 -12.76 3.04 -17.13
C CYS B 81 -11.50 3.20 -17.91
N VAL B 82 -10.63 2.20 -17.84
CA VAL B 82 -9.28 2.28 -18.38
C VAL B 82 -9.12 1.53 -19.67
N PHE B 83 -8.43 2.17 -20.59
CA PHE B 83 -7.95 1.53 -21.83
C PHE B 83 -6.46 1.83 -21.97
N ALA B 84 -5.74 1.17 -22.88
CA ALA B 84 -4.33 1.45 -23.12
C ALA B 84 -4.21 2.15 -24.47
N ILE B 85 -3.49 3.27 -24.53
CA ILE B 85 -3.43 4.08 -25.77
C ILE B 85 -2.75 3.39 -26.93
N ASN B 86 -2.05 2.29 -26.68
CA ASN B 86 -1.43 1.51 -27.76
C ASN B 86 -2.28 0.27 -28.15
N ASN B 87 -3.51 0.16 -27.62
CA ASN B 87 -4.34 -1.02 -27.86
C ASN B 87 -5.75 -0.56 -28.23
N THR B 88 -6.02 -0.46 -29.56
CA THR B 88 -7.32 0.01 -30.02
C THR B 88 -8.46 -0.91 -29.58
N LYS B 89 -8.22 -2.22 -29.49
CA LYS B 89 -9.26 -3.13 -29.03
C LYS B 89 -9.72 -2.79 -27.59
N SER B 90 -8.78 -2.37 -26.71
CA SER B 90 -9.17 -1.99 -25.33
C SER B 90 -10.02 -0.74 -25.32
N PHE B 91 -9.79 0.18 -26.27
CA PHE B 91 -10.60 1.38 -26.37
C PHE B 91 -12.01 1.02 -26.91
N GLU B 92 -12.05 0.15 -27.92
CA GLU B 92 -13.33 -0.33 -28.48
C GLU B 92 -14.17 -1.06 -27.41
N ASP B 93 -13.54 -1.65 -26.39
CA ASP B 93 -14.22 -2.36 -25.32
C ASP B 93 -14.79 -1.44 -24.26
N ILE B 94 -14.33 -0.16 -24.18
CA ILE B 94 -14.81 0.75 -23.14
C ILE B 94 -16.33 0.79 -23.00
N HIS B 95 -17.04 0.87 -24.15
CA HIS B 95 -18.50 0.97 -24.08
C HIS B 95 -19.14 -0.24 -23.41
N HIS B 96 -18.54 -1.43 -23.52
CA HIS B 96 -19.08 -2.61 -22.83
C HIS B 96 -18.98 -2.46 -21.30
N TYR B 97 -17.89 -1.86 -20.81
CA TYR B 97 -17.73 -1.66 -19.37
C TYR B 97 -18.72 -0.63 -18.87
N ARG B 98 -18.86 0.47 -19.62
CA ARG B 98 -19.78 1.53 -19.22
C ARG B 98 -21.24 1.01 -19.23
N GLU B 99 -21.60 0.23 -20.24
CA GLU B 99 -22.96 -0.34 -20.29
C GLU B 99 -23.22 -1.27 -19.11
N GLN B 100 -22.22 -2.06 -18.70
CA GLN B 100 -22.40 -2.95 -17.55
C GLN B 100 -22.57 -2.17 -16.26
N ILE B 101 -21.78 -1.11 -16.05
CA ILE B 101 -21.90 -0.29 -14.84
C ILE B 101 -23.30 0.33 -14.76
N LYS B 102 -23.82 0.83 -15.89
CA LYS B 102 -25.17 1.42 -15.92
C LYS B 102 -26.23 0.37 -15.51
N ARG B 103 -26.04 -0.85 -15.97
CA ARG B 103 -26.93 -1.96 -15.68
C ARG B 103 -26.89 -2.35 -14.19
N VAL B 104 -25.70 -2.47 -13.59
CA VAL B 104 -25.59 -2.89 -12.18
C VAL B 104 -25.86 -1.77 -11.17
N LYS B 105 -25.68 -0.51 -11.60
CA LYS B 105 -25.98 0.63 -10.73
C LYS B 105 -27.45 1.07 -10.88
N ASP B 106 -28.14 0.65 -11.96
CA ASP B 106 -29.53 0.97 -12.29
C ASP B 106 -29.67 2.47 -12.48
N SER B 107 -28.77 3.05 -13.31
CA SER B 107 -28.78 4.49 -13.59
C SER B 107 -28.00 4.84 -14.84
N GLU B 108 -28.40 5.93 -15.49
CA GLU B 108 -27.68 6.47 -16.65
C GLU B 108 -26.63 7.52 -16.22
N ASP B 109 -26.67 8.02 -14.97
CA ASP B 109 -25.69 8.99 -14.50
C ASP B 109 -24.86 8.43 -13.31
N VAL B 110 -23.79 7.74 -13.63
CA VAL B 110 -22.88 7.18 -12.64
C VAL B 110 -21.56 7.92 -12.80
N PRO B 111 -20.95 8.43 -11.71
CA PRO B 111 -19.66 9.13 -11.85
C PRO B 111 -18.59 8.20 -12.44
N MET B 112 -17.93 8.66 -13.49
CA MET B 112 -16.93 7.87 -14.21
C MET B 112 -15.90 8.81 -14.81
N VAL B 113 -14.68 8.30 -15.00
CA VAL B 113 -13.63 9.01 -15.71
C VAL B 113 -13.06 8.03 -16.75
N LEU B 114 -12.85 8.49 -17.99
CA LEU B 114 -12.21 7.67 -19.01
C LEU B 114 -10.69 7.88 -18.89
N VAL B 115 -9.94 6.80 -18.78
CA VAL B 115 -8.48 6.83 -18.59
C VAL B 115 -7.76 6.14 -19.72
N GLY B 116 -6.91 6.87 -20.43
CA GLY B 116 -6.06 6.28 -21.44
C GLY B 116 -4.67 6.08 -20.84
N ASN B 117 -4.36 4.84 -20.45
CA ASN B 117 -3.10 4.52 -19.80
C ASN B 117 -1.98 4.15 -20.80
N LYS B 118 -0.74 4.04 -20.29
CA LYS B 118 0.46 3.73 -21.07
C LYS B 118 0.86 4.88 -21.97
N CYS B 119 0.57 6.13 -21.55
CA CYS B 119 0.89 7.29 -22.38
C CYS B 119 2.39 7.57 -22.54
N ASP B 120 3.26 6.82 -21.86
CA ASP B 120 4.71 6.92 -22.01
C ASP B 120 5.19 6.19 -23.29
N LEU B 121 4.40 5.23 -23.81
CA LEU B 121 4.77 4.43 -24.98
C LEU B 121 4.70 5.21 -26.29
N PRO B 122 5.64 4.96 -27.21
CA PRO B 122 5.61 5.67 -28.51
C PRO B 122 4.61 5.11 -29.53
N SER B 123 4.18 3.87 -29.36
CA SER B 123 3.29 3.19 -30.31
C SER B 123 1.79 3.50 -30.14
N ARG B 124 1.45 4.79 -30.02
CA ARG B 124 0.06 5.21 -29.86
C ARG B 124 -0.80 4.81 -31.07
N THR B 125 -1.93 4.17 -30.81
CA THR B 125 -2.90 3.81 -31.84
C THR B 125 -4.27 4.47 -31.60
N VAL B 126 -4.53 5.00 -30.39
CA VAL B 126 -5.78 5.68 -30.09
C VAL B 126 -5.44 7.14 -29.95
N ASP B 127 -5.93 7.97 -30.88
CA ASP B 127 -5.65 9.40 -30.82
C ASP B 127 -6.45 10.05 -29.69
N THR B 128 -5.90 11.12 -29.05
CA THR B 128 -6.65 11.82 -27.99
C THR B 128 -7.94 12.37 -28.47
N LYS B 129 -8.04 12.84 -29.74
CA LYS B 129 -9.29 13.37 -30.24
C LYS B 129 -10.39 12.31 -30.23
N GLN B 130 -10.09 11.05 -30.61
CA GLN B 130 -11.11 10.00 -30.59
C GLN B 130 -11.59 9.76 -29.15
N ALA B 131 -10.64 9.68 -28.19
CA ALA B 131 -11.02 9.40 -26.81
C ALA B 131 -11.71 10.60 -26.16
N GLN B 132 -11.24 11.83 -26.44
CA GLN B 132 -11.91 13.01 -25.89
C GLN B 132 -13.33 13.12 -26.46
N ASP B 133 -13.52 12.79 -27.75
CA ASP B 133 -14.84 12.81 -28.35
C ASP B 133 -15.77 11.81 -27.69
N LEU B 134 -15.26 10.59 -27.37
CA LEU B 134 -16.06 9.58 -26.72
C LEU B 134 -16.43 10.03 -25.32
N ALA B 135 -15.45 10.60 -24.57
CA ALA B 135 -15.73 11.07 -23.22
C ALA B 135 -16.77 12.19 -23.24
N ARG B 136 -16.68 13.08 -24.24
CA ARG B 136 -17.63 14.18 -24.40
C ARG B 136 -19.03 13.62 -24.66
N SER B 137 -19.15 12.56 -25.47
CA SER B 137 -20.44 11.91 -25.73
C SER B 137 -21.09 11.32 -24.47
N TYR B 138 -20.26 10.90 -23.51
CA TYR B 138 -20.73 10.35 -22.24
C TYR B 138 -20.93 11.41 -21.15
N GLY B 139 -20.43 12.64 -21.37
CA GLY B 139 -20.48 13.70 -20.38
C GLY B 139 -19.50 13.46 -19.25
N ILE B 140 -18.35 12.81 -19.54
CA ILE B 140 -17.36 12.51 -18.48
C ILE B 140 -15.95 13.02 -18.82
N PRO B 141 -15.08 13.21 -17.80
CA PRO B 141 -13.71 13.63 -18.10
C PRO B 141 -12.88 12.53 -18.75
N PHE B 142 -11.83 12.95 -19.45
CA PHE B 142 -10.86 12.07 -20.08
C PHE B 142 -9.49 12.48 -19.59
N ILE B 143 -8.70 11.51 -19.14
CA ILE B 143 -7.34 11.77 -18.70
C ILE B 143 -6.40 10.70 -19.22
N GLU B 144 -5.20 11.09 -19.63
CA GLU B 144 -4.18 10.14 -20.06
C GLU B 144 -3.18 9.97 -18.91
N THR B 145 -2.79 8.74 -18.66
CA THR B 145 -1.90 8.40 -17.57
C THR B 145 -0.75 7.50 -18.01
N SER B 146 0.30 7.44 -17.18
CA SER B 146 1.34 6.43 -17.30
C SER B 146 1.54 5.89 -15.89
N ALA B 147 1.20 4.64 -15.62
CA ALA B 147 1.51 4.01 -14.34
C ALA B 147 3.05 3.91 -14.19
N LYS B 148 3.80 3.87 -15.32
CA LYS B 148 5.26 3.74 -15.28
C LYS B 148 5.92 5.00 -14.73
N THR B 149 5.59 6.18 -15.28
CA THR B 149 6.19 7.44 -14.86
C THR B 149 5.39 8.18 -13.78
N ARG B 150 4.17 7.69 -13.49
CA ARG B 150 3.16 8.28 -12.58
C ARG B 150 2.48 9.52 -13.19
N GLN B 151 2.78 9.89 -14.44
CA GLN B 151 2.13 11.00 -15.09
C GLN B 151 0.59 10.83 -15.05
N GLY B 152 -0.13 11.76 -14.49
CA GLY B 152 -1.58 11.77 -14.46
C GLY B 152 -2.24 10.81 -13.50
N VAL B 153 -1.48 9.96 -12.81
CA VAL B 153 -2.09 8.92 -11.95
C VAL B 153 -2.91 9.52 -10.83
N ASP B 154 -2.29 10.40 -10.03
CA ASP B 154 -3.03 11.01 -8.92
C ASP B 154 -4.20 11.83 -9.44
N ASP B 155 -4.00 12.57 -10.53
CA ASP B 155 -5.07 13.38 -11.08
C ASP B 155 -6.24 12.53 -11.60
N ALA B 156 -5.99 11.32 -12.13
CA ALA B 156 -7.11 10.49 -12.60
C ALA B 156 -8.03 10.11 -11.43
N PHE B 157 -7.45 9.70 -10.29
CA PHE B 157 -8.26 9.32 -9.14
C PHE B 157 -8.89 10.56 -8.48
N TYR B 158 -8.17 11.68 -8.45
CA TYR B 158 -8.72 12.90 -7.82
C TYR B 158 -9.86 13.45 -8.71
N THR B 159 -9.71 13.36 -10.03
CA THR B 159 -10.77 13.80 -10.95
C THR B 159 -12.03 12.96 -10.73
N LEU B 160 -11.87 11.64 -10.47
CA LEU B 160 -13.05 10.82 -10.20
C LEU B 160 -13.71 11.21 -8.88
N VAL B 161 -12.92 11.57 -7.86
CA VAL B 161 -13.50 12.07 -6.60
C VAL B 161 -14.29 13.35 -6.86
N ARG B 162 -13.74 14.25 -7.69
CA ARG B 162 -14.46 15.50 -7.99
C ARG B 162 -15.80 15.20 -8.72
N GLU B 163 -15.84 14.16 -9.58
CA GLU B 163 -17.07 13.77 -10.26
C GLU B 163 -18.08 13.24 -9.26
N ILE B 164 -17.62 12.47 -8.26
CA ILE B 164 -18.52 11.95 -7.23
C ILE B 164 -19.09 13.09 -6.43
N ARG B 165 -18.27 14.08 -6.07
CA ARG B 165 -18.76 15.24 -5.31
C ARG B 165 -19.86 16.01 -6.06
N LYS B 166 -19.75 16.17 -7.38
CA LYS B 166 -20.78 16.85 -8.17
C LYS B 166 -22.11 16.06 -8.14
N HIS B 167 -22.01 14.73 -8.18
CA HIS B 167 -23.15 13.82 -8.17
C HIS B 167 -23.86 13.80 -6.80
N LYS B 168 -23.13 14.08 -5.72
CA LYS B 168 -23.72 14.08 -4.38
C LYS B 168 -24.60 15.30 -4.14
N ALA C 1 15.24 -0.92 31.68
CA ALA C 1 13.87 -1.16 31.21
C ALA C 1 13.80 -2.43 30.31
N PRO C 3 14.76 -2.72 26.53
CA PRO C 3 13.40 -2.20 26.82
C PRO C 3 12.29 -3.25 26.74
N LEU C 4 12.50 -4.34 26.00
CA LEU C 4 11.46 -5.38 25.92
C LEU C 4 11.70 -6.42 27.02
N TYR C 5 10.61 -7.00 27.56
CA TYR C 5 10.81 -8.06 28.52
C TYR C 5 11.03 -9.36 27.74
N ILE C 6 12.25 -9.94 27.82
CA ILE C 6 12.65 -11.17 27.17
C ILE C 6 13.20 -12.03 28.30
N SER C 7 12.56 -13.18 28.55
CA SER C 7 12.86 -14.00 29.73
C SER C 7 14.32 -14.41 29.86
N TYR C 8 15.02 -14.70 28.77
CA TYR C 8 16.41 -15.16 28.81
C TYR C 8 17.45 -14.04 28.63
N ASP C 9 17.00 -12.78 28.53
CA ASP C 9 17.94 -11.66 28.39
C ASP C 9 18.51 -11.45 29.80
N PRO C 10 19.85 -11.51 29.97
CA PRO C 10 20.43 -11.37 31.32
C PRO C 10 20.04 -10.06 32.01
N VAL C 11 19.86 -8.99 31.23
CA VAL C 11 19.45 -7.71 31.81
C VAL C 11 18.04 -7.80 32.40
N CYS C 12 17.14 -8.55 31.72
CA CYS C 12 15.79 -8.74 32.26
C CYS C 12 15.80 -9.64 33.46
N ARG C 13 16.69 -10.65 33.48
CA ARG C 13 16.77 -11.57 34.62
C ARG C 13 17.24 -10.82 35.87
N ALA C 14 18.13 -9.83 35.72
N ALA D 1 -17.74 -11.85 -22.41
CA ALA D 1 -19.12 -11.48 -22.08
C ALA D 1 -19.23 -10.94 -20.67
N PRO D 3 -18.78 -7.27 -19.40
CA PRO D 3 -17.51 -8.03 -19.43
C PRO D 3 -17.01 -8.63 -18.11
N LEU D 4 -17.43 -8.07 -16.98
CA LEU D 4 -17.04 -8.64 -15.68
C LEU D 4 -18.10 -9.65 -15.25
N TYR D 5 -17.68 -10.66 -14.48
CA TYR D 5 -18.66 -11.61 -13.96
C TYR D 5 -19.19 -11.02 -12.66
N ILE D 6 -20.43 -10.53 -12.70
CA ILE D 6 -21.11 -9.93 -11.56
C ILE D 6 -22.35 -10.80 -11.37
N SER D 7 -22.36 -11.60 -10.31
CA SER D 7 -23.38 -12.62 -10.07
C SER D 7 -24.82 -12.11 -10.19
N TYR D 8 -25.14 -10.90 -9.70
CA TYR D 8 -26.51 -10.35 -9.73
C TYR D 8 -26.87 -9.57 -10.98
N ASP D 9 -25.91 -9.40 -11.92
CA ASP D 9 -26.16 -8.69 -13.16
C ASP D 9 -27.06 -9.60 -13.98
N PRO D 10 -28.21 -9.11 -14.47
CA PRO D 10 -29.11 -10.02 -15.22
C PRO D 10 -28.43 -10.65 -16.43
N VAL D 11 -27.55 -9.92 -17.14
CA VAL D 11 -26.84 -10.46 -18.30
C VAL D 11 -25.95 -11.63 -17.89
N CYS D 12 -25.31 -11.53 -16.70
CA CYS D 12 -24.47 -12.64 -16.21
C CYS D 12 -25.30 -13.81 -15.72
N ARG D 13 -26.45 -13.51 -15.09
CA ARG D 13 -27.33 -14.53 -14.51
C ARG D 13 -27.91 -15.49 -15.52
N ALA D 14 -28.10 -15.04 -16.76
#